data_1UY0
#
_entry.id   1UY0
#
_cell.length_a   63.550
_cell.length_b   67.650
_cell.length_c   85.290
_cell.angle_alpha   90.00
_cell.angle_beta   90.00
_cell.angle_gamma   90.00
#
_symmetry.space_group_name_H-M   'P 21 21 21'
#
loop_
_entity.id
_entity.type
_entity.pdbx_description
1 polymer 'CELLULASE B'
2 branched beta-D-glucopyranose-(1-4)-beta-D-glucopyranose
3 branched beta-D-glucopyranose-(1-3)-beta-D-glucopyranose-(1-4)-beta-D-glucopyranose-(1-3)-beta-D-glucopyranose
4 non-polymer 'CALCIUM ION'
5 non-polymer GLYCEROL
6 non-polymer 'CHLORIDE ION'
7 non-polymer 'SODIUM ION'
8 water water
#
_entity_poly.entity_id   1
_entity_poly.type   'polypeptide(L)'
_entity_poly.pdbx_seq_one_letter_code
;MVIATIQAEDHSQQSGTQQETTTDTGGGKNVGYIDAGDWLSYAGTPVNIPSSGSYLIEYRVASQNGGGSLTFEEAGGAPV
HGTIAIPATGGWQTWTTIQHTVNLSAGSHQFGIKANAGGWNLNWIRINKTH
;
_entity_poly.pdbx_strand_id   A,B
#
loop_
_chem_comp.id
_chem_comp.type
_chem_comp.name
_chem_comp.formula
BGC D-saccharide, beta linking beta-D-glucopyranose 'C6 H12 O6'
CA non-polymer 'CALCIUM ION' 'Ca 2'
CL non-polymer 'CHLORIDE ION' 'Cl -1'
GOL non-polymer GLYCEROL 'C3 H8 O3'
NA non-polymer 'SODIUM ION' 'Na 1'
#
# COMPACT_ATOMS: atom_id res chain seq x y z
N MET A 1 -4.51 9.36 10.06
CA MET A 1 -5.89 9.49 9.54
C MET A 1 -6.07 8.59 8.29
N VAL A 2 -5.06 8.54 7.41
CA VAL A 2 -5.08 7.69 6.18
C VAL A 2 -4.75 6.22 6.49
N ILE A 3 -5.67 5.36 6.09
CA ILE A 3 -5.53 3.92 6.25
C ILE A 3 -4.76 3.39 5.04
N ALA A 4 -5.17 3.79 3.83
CA ALA A 4 -4.52 3.36 2.59
C ALA A 4 -4.77 4.33 1.46
N THR A 5 -3.78 4.52 0.61
CA THR A 5 -4.00 5.08 -0.72
C THR A 5 -3.70 3.99 -1.71
N ILE A 6 -4.64 3.77 -2.62
CA ILE A 6 -4.50 2.76 -3.68
C ILE A 6 -4.60 3.45 -5.03
N GLN A 7 -3.53 3.40 -5.81
CA GLN A 7 -3.61 3.89 -7.17
C GLN A 7 -4.54 2.98 -7.97
N ALA A 8 -5.45 3.57 -8.74
CA ALA A 8 -6.51 2.79 -9.38
C ALA A 8 -5.99 1.77 -10.38
N GLU A 9 -4.88 2.09 -11.00
CA GLU A 9 -4.24 1.22 -11.96
C GLU A 9 -3.55 0.01 -11.30
N ASP A 10 -3.35 0.05 -9.99
CA ASP A 10 -2.63 -1.00 -9.26
C ASP A 10 -3.58 -2.10 -8.81
N HIS A 11 -4.46 -2.48 -9.72
CA HIS A 11 -5.35 -3.59 -9.50
C HIS A 11 -4.73 -4.93 -9.79
N SER A 12 -5.12 -5.94 -9.03
CA SER A 12 -4.66 -7.32 -9.28
C SER A 12 -5.42 -8.02 -10.38
N GLN A 13 -6.67 -7.60 -10.60
CA GLN A 13 -7.50 -8.04 -11.70
C GLN A 13 -8.43 -6.90 -12.12
N GLN A 14 -8.91 -6.96 -13.36
CA GLN A 14 -9.88 -5.99 -13.85
C GLN A 14 -10.70 -6.57 -14.95
N SER A 15 -11.76 -5.85 -15.32
CA SER A 15 -12.56 -6.17 -16.50
C SER A 15 -13.00 -4.92 -17.21
N GLY A 16 -12.74 -4.84 -18.51
CA GLY A 16 -13.32 -3.84 -19.38
C GLY A 16 -12.63 -2.50 -19.53
N THR A 17 -11.52 -2.28 -18.81
CA THR A 17 -10.89 -0.96 -18.73
C THR A 17 -9.50 -0.95 -19.30
N GLN A 18 -8.93 0.23 -19.40
CA GLN A 18 -7.56 0.39 -19.89
C GLN A 18 -6.91 1.53 -19.12
N GLN A 19 -5.62 1.40 -18.84
CA GLN A 19 -4.91 2.51 -18.20
C GLN A 19 -4.45 3.52 -19.25
N GLU A 20 -4.23 4.73 -18.80
CA GLU A 20 -3.75 5.80 -19.65
C GLU A 20 -3.01 6.80 -18.79
N THR A 21 -2.17 7.60 -19.43
CA THR A 21 -1.42 8.60 -18.72
C THR A 21 -2.35 9.67 -18.17
N THR A 22 -2.10 10.10 -16.94
CA THR A 22 -2.88 11.20 -16.37
C THR A 22 -2.03 12.45 -16.26
N THR A 23 -2.68 13.60 -16.43
CA THR A 23 -2.03 14.89 -16.17
C THR A 23 -2.45 15.48 -14.83
N ASP A 24 -3.17 14.71 -14.02
CA ASP A 24 -3.42 15.11 -12.64
C ASP A 24 -2.12 15.32 -11.86
N THR A 25 -2.20 16.06 -10.77
CA THR A 25 -1.09 16.21 -9.84
C THR A 25 -0.44 14.89 -9.47
N GLY A 26 0.89 14.83 -9.61
CA GLY A 26 1.65 13.61 -9.33
C GLY A 26 1.90 12.75 -10.56
N GLY A 27 1.20 13.04 -11.66
CA GLY A 27 1.34 12.28 -12.88
C GLY A 27 0.98 10.80 -12.67
N GLY A 28 1.65 9.93 -13.41
CA GLY A 28 1.35 8.52 -13.36
C GLY A 28 0.25 8.12 -14.34
N LYS A 29 -0.65 7.25 -13.89
CA LYS A 29 -1.71 6.72 -14.75
C LYS A 29 -3.07 6.80 -14.09
N ASN A 30 -4.10 6.80 -14.91
CA ASN A 30 -5.45 6.57 -14.41
C ASN A 30 -6.08 5.43 -15.17
N VAL A 31 -7.15 4.91 -14.60
CA VAL A 31 -8.01 3.96 -15.29
C VAL A 31 -9.02 4.71 -16.11
N GLY A 32 -9.15 4.29 -17.37
CA GLY A 32 -10.10 4.88 -18.29
C GLY A 32 -10.96 3.84 -18.99
N TYR A 33 -11.77 4.32 -19.94
CA TYR A 33 -12.70 3.47 -20.70
C TYR A 33 -13.54 2.60 -19.78
N ILE A 34 -14.19 3.28 -18.84
CA ILE A 34 -15.02 2.64 -17.84
C ILE A 34 -16.48 2.70 -18.30
N ASP A 35 -17.15 1.56 -18.20
CA ASP A 35 -18.53 1.40 -18.60
C ASP A 35 -19.27 0.49 -17.62
N ALA A 36 -20.59 0.51 -17.70
CA ALA A 36 -21.43 -0.35 -16.89
C ALA A 36 -20.99 -1.81 -17.01
N GLY A 37 -20.74 -2.46 -15.87
CA GLY A 37 -20.29 -3.82 -15.81
C GLY A 37 -18.80 -3.98 -15.54
N ASP A 38 -18.02 -2.97 -15.90
CA ASP A 38 -16.57 -3.03 -15.70
C ASP A 38 -16.23 -3.03 -14.21
N TRP A 39 -15.07 -3.56 -13.88
CA TRP A 39 -14.66 -3.61 -12.48
C TRP A 39 -13.18 -3.69 -12.30
N LEU A 40 -12.76 -3.38 -11.06
CA LEU A 40 -11.38 -3.33 -10.65
C LEU A 40 -11.27 -4.07 -9.33
N SER A 41 -10.35 -5.01 -9.23
CA SER A 41 -10.10 -5.73 -7.99
C SER A 41 -8.75 -5.36 -7.42
N TYR A 42 -8.72 -5.16 -6.09
CA TYR A 42 -7.50 -4.90 -5.34
C TYR A 42 -7.24 -6.02 -4.35
N ALA A 43 -7.68 -7.23 -4.73
CA ALA A 43 -7.49 -8.40 -3.87
C ALA A 43 -6.02 -8.71 -3.58
N GLY A 44 -5.15 -8.38 -4.50
CA GLY A 44 -3.73 -8.64 -4.32
C GLY A 44 -3.04 -7.79 -3.26
N THR A 45 -3.68 -6.70 -2.88
CA THR A 45 -3.17 -5.77 -1.86
C THR A 45 -4.23 -5.60 -0.77
N PRO A 46 -4.37 -6.57 0.14
CA PRO A 46 -5.37 -6.42 1.19
C PRO A 46 -5.05 -5.24 2.08
N VAL A 47 -6.08 -4.61 2.58
CA VAL A 47 -5.93 -3.41 3.42
C VAL A 47 -6.48 -3.76 4.80
N ASN A 48 -5.74 -3.38 5.84
CA ASN A 48 -6.11 -3.73 7.20
C ASN A 48 -6.96 -2.62 7.79
N ILE A 49 -8.13 -2.96 8.29
CA ILE A 49 -8.98 -2.00 8.99
C ILE A 49 -8.83 -2.24 10.50
N PRO A 50 -8.39 -1.21 11.22
CA PRO A 50 -7.99 -1.42 12.63
C PRO A 50 -9.12 -1.66 13.60
N SER A 51 -10.31 -1.13 13.31
CA SER A 51 -11.48 -1.28 14.18
C SER A 51 -12.75 -1.14 13.33
N SER A 52 -13.80 -1.80 13.78
CA SER A 52 -15.07 -1.75 13.07
C SER A 52 -15.69 -0.37 13.23
N GLY A 53 -16.27 0.16 12.16
CA GLY A 53 -16.93 1.43 12.21
C GLY A 53 -16.90 2.20 10.92
N SER A 54 -17.05 3.50 11.03
CA SER A 54 -17.22 4.38 9.90
C SER A 54 -15.87 4.76 9.30
N TYR A 55 -15.73 4.59 7.97
CA TYR A 55 -14.55 5.04 7.23
C TYR A 55 -14.98 5.93 6.07
N LEU A 56 -14.14 6.90 5.74
CA LEU A 56 -14.36 7.81 4.64
C LEU A 56 -13.57 7.30 3.44
N ILE A 57 -14.27 7.03 2.35
CA ILE A 57 -13.65 6.57 1.13
C ILE A 57 -13.65 7.72 0.11
N GLU A 58 -12.46 8.05 -0.38
CA GLU A 58 -12.29 9.12 -1.36
C GLU A 58 -11.90 8.55 -2.71
N TYR A 59 -12.38 9.19 -3.78
CA TYR A 59 -12.07 8.77 -5.14
C TYR A 59 -11.63 9.99 -5.95
N ARG A 60 -10.50 9.89 -6.63
CA ARG A 60 -9.97 10.96 -7.50
C ARG A 60 -10.45 10.66 -8.89
N VAL A 61 -11.39 11.48 -9.36
CA VAL A 61 -12.17 11.19 -10.57
C VAL A 61 -12.19 12.38 -11.55
N ALA A 62 -12.44 12.06 -12.81
CA ALA A 62 -12.61 13.05 -13.89
C ALA A 62 -13.72 12.52 -14.79
N SER A 63 -14.55 13.42 -15.32
CA SER A 63 -15.67 13.02 -16.16
C SER A 63 -16.04 14.17 -17.08
N GLN A 64 -16.06 13.94 -18.38
CA GLN A 64 -16.44 14.98 -19.34
C GLN A 64 -17.89 15.40 -19.20
N ASN A 65 -18.79 14.41 -19.14
CA ASN A 65 -20.24 14.62 -19.19
C ASN A 65 -21.04 14.20 -17.94
N GLY A 66 -20.39 13.61 -16.94
CA GLY A 66 -21.08 13.13 -15.77
C GLY A 66 -21.93 11.89 -16.06
N GLY A 67 -22.78 11.52 -15.09
CA GLY A 67 -23.69 10.39 -15.19
C GLY A 67 -23.15 9.06 -14.70
N GLY A 68 -21.91 9.02 -14.27
CA GLY A 68 -21.33 7.77 -13.81
C GLY A 68 -21.72 7.43 -12.37
N SER A 69 -21.55 6.18 -11.99
CA SER A 69 -21.63 5.77 -10.59
C SER A 69 -20.84 4.47 -10.38
N LEU A 70 -20.43 4.24 -9.14
CA LEU A 70 -19.71 3.02 -8.79
C LEU A 70 -20.20 2.46 -7.46
N THR A 71 -19.89 1.19 -7.27
CA THR A 71 -20.11 0.46 -6.03
C THR A 71 -18.76 0.01 -5.48
N PHE A 72 -18.53 0.31 -4.21
CA PHE A 72 -17.33 -0.05 -3.45
C PHE A 72 -17.72 -1.25 -2.60
N GLU A 73 -16.93 -2.32 -2.72
CA GLU A 73 -17.30 -3.62 -2.17
C GLU A 73 -16.06 -4.43 -1.86
N GLU A 74 -16.26 -5.66 -1.41
CA GLU A 74 -15.16 -6.62 -1.38
C GLU A 74 -15.02 -7.21 -2.74
N ALA A 75 -13.79 -7.54 -3.11
CA ALA A 75 -13.48 -8.17 -4.37
C ALA A 75 -14.35 -9.42 -4.47
N GLY A 76 -14.98 -9.62 -5.62
CA GLY A 76 -15.86 -10.76 -5.78
C GLY A 76 -17.30 -10.34 -5.71
N GLY A 77 -17.61 -9.23 -5.05
CA GLY A 77 -18.93 -8.65 -5.13
C GLY A 77 -19.74 -8.46 -3.85
N ALA A 78 -19.35 -9.11 -2.76
CA ALA A 78 -20.11 -9.03 -1.50
C ALA A 78 -19.20 -9.24 -0.28
N PRO A 79 -19.42 -8.53 0.83
CA PRO A 79 -20.43 -7.49 1.00
C PRO A 79 -20.14 -6.21 0.25
N VAL A 80 -21.21 -5.52 -0.12
CA VAL A 80 -21.15 -4.19 -0.68
C VAL A 80 -21.06 -3.18 0.46
N HIS A 81 -20.17 -2.22 0.30
CA HIS A 81 -19.96 -1.21 1.30
C HIS A 81 -20.71 0.09 1.00
N GLY A 82 -20.76 0.50 -0.25
CA GLY A 82 -21.43 1.75 -0.57
C GLY A 82 -21.40 2.07 -2.03
N THR A 83 -22.17 3.07 -2.43
CA THR A 83 -22.26 3.54 -3.81
C THR A 83 -22.05 5.04 -3.82
N ILE A 84 -21.62 5.55 -4.96
CA ILE A 84 -21.37 6.97 -5.10
C ILE A 84 -21.57 7.41 -6.57
N ALA A 85 -22.21 8.56 -6.75
CA ALA A 85 -22.37 9.18 -8.06
C ALA A 85 -21.14 9.99 -8.41
N ILE A 86 -20.74 9.92 -9.67
CA ILE A 86 -19.56 10.63 -10.13
C ILE A 86 -20.00 11.83 -10.95
N PRO A 87 -19.67 13.03 -10.50
CA PRO A 87 -20.14 14.25 -11.17
C PRO A 87 -19.34 14.56 -12.42
N ALA A 88 -19.90 15.37 -13.30
CA ALA A 88 -19.16 15.96 -14.40
C ALA A 88 -18.12 16.88 -13.78
N THR A 89 -16.91 16.84 -14.31
CA THR A 89 -15.84 17.71 -13.84
C THR A 89 -15.40 18.71 -14.92
N GLY A 90 -15.84 18.53 -16.15
CA GLY A 90 -15.48 19.46 -17.22
C GLY A 90 -14.51 18.89 -18.22
N GLY A 91 -13.97 17.72 -17.95
CA GLY A 91 -13.08 17.12 -18.91
C GLY A 91 -12.53 15.82 -18.42
N TRP A 92 -11.99 15.05 -19.36
CA TRP A 92 -11.43 13.75 -19.03
C TRP A 92 -10.19 13.80 -18.15
N GLN A 93 -9.50 14.94 -18.12
CA GLN A 93 -8.36 15.15 -17.26
C GLN A 93 -8.51 16.41 -16.40
N THR A 94 -9.74 16.71 -16.03
CA THR A 94 -10.04 17.70 -15.03
C THR A 94 -10.50 16.94 -13.81
N TRP A 95 -9.68 16.99 -12.77
CA TRP A 95 -9.77 16.06 -11.64
C TRP A 95 -10.38 16.71 -10.41
N THR A 96 -11.11 15.90 -9.68
CA THR A 96 -11.64 16.31 -8.40
C THR A 96 -11.69 15.11 -7.46
N THR A 97 -11.77 15.36 -6.16
CA THR A 97 -11.90 14.28 -5.18
C THR A 97 -13.31 14.28 -4.62
N ILE A 98 -13.98 13.14 -4.76
CA ILE A 98 -15.30 12.92 -4.16
C ILE A 98 -15.17 11.92 -3.02
N GLN A 99 -16.16 11.90 -2.14
CA GLN A 99 -16.09 11.04 -0.95
C GLN A 99 -17.47 10.61 -0.45
N HIS A 100 -17.46 9.48 0.22
CA HIS A 100 -18.61 9.01 0.99
C HIS A 100 -18.13 8.21 2.19
N THR A 101 -19.05 7.92 3.10
CA THR A 101 -18.75 7.03 4.24
C THR A 101 -19.41 5.67 4.06
N VAL A 102 -18.73 4.68 4.61
CA VAL A 102 -19.21 3.33 4.68
C VAL A 102 -18.86 2.73 6.05
N ASN A 103 -19.54 1.65 6.41
CA ASN A 103 -19.15 0.86 7.58
C ASN A 103 -18.22 -0.24 7.11
N LEU A 104 -17.15 -0.47 7.85
CA LEU A 104 -16.24 -1.58 7.58
C LEU A 104 -15.95 -2.34 8.86
N SER A 105 -15.93 -3.65 8.76
CA SER A 105 -15.53 -4.51 9.85
C SER A 105 -14.02 -4.48 10.05
N ALA A 106 -13.56 -4.70 11.28
CA ALA A 106 -12.14 -4.77 11.54
C ALA A 106 -11.55 -5.98 10.86
N GLY A 107 -10.28 -5.87 10.47
CA GLY A 107 -9.54 -6.94 9.88
C GLY A 107 -9.11 -6.69 8.45
N SER A 108 -8.65 -7.74 7.80
CA SER A 108 -8.08 -7.63 6.48
C SER A 108 -9.19 -7.66 5.42
N HIS A 109 -9.21 -6.65 4.58
CA HIS A 109 -10.14 -6.49 3.49
C HIS A 109 -9.48 -6.62 2.14
N GLN A 110 -10.20 -7.20 1.20
CA GLN A 110 -9.80 -7.22 -0.20
C GLN A 110 -10.88 -6.43 -0.95
N PHE A 111 -10.57 -5.20 -1.35
CA PHE A 111 -11.57 -4.32 -1.91
C PHE A 111 -11.71 -4.49 -3.41
N GLY A 112 -12.87 -4.07 -3.93
CA GLY A 112 -13.18 -4.04 -5.34
C GLY A 112 -14.09 -2.86 -5.65
N ILE A 113 -14.06 -2.43 -6.92
CA ILE A 113 -14.94 -1.41 -7.44
C ILE A 113 -15.68 -1.96 -8.67
N LYS A 114 -16.99 -1.78 -8.69
CA LYS A 114 -17.83 -2.12 -9.84
C LYS A 114 -18.42 -0.84 -10.41
N ALA A 115 -18.27 -0.64 -11.71
CA ALA A 115 -18.90 0.50 -12.37
C ALA A 115 -20.34 0.20 -12.72
N ASN A 116 -21.26 1.01 -12.22
CA ASN A 116 -22.67 0.79 -12.55
C ASN A 116 -23.09 1.56 -13.80
N ALA A 117 -22.36 2.63 -14.05
CA ALA A 117 -22.50 3.45 -15.26
C ALA A 117 -21.16 4.10 -15.54
N GLY A 118 -20.81 4.20 -16.82
CA GLY A 118 -19.56 4.78 -17.24
C GLY A 118 -19.54 6.29 -17.34
N GLY A 119 -18.53 6.78 -18.06
CA GLY A 119 -18.37 8.20 -18.32
C GLY A 119 -17.36 8.92 -17.48
N TRP A 120 -16.52 8.17 -16.78
CA TRP A 120 -15.55 8.76 -15.85
C TRP A 120 -14.23 8.00 -15.86
N ASN A 121 -13.20 8.67 -15.34
CA ASN A 121 -11.86 8.13 -15.15
C ASN A 121 -11.54 8.13 -13.67
N LEU A 122 -10.66 7.23 -13.24
CA LEU A 122 -10.33 7.05 -11.84
C LEU A 122 -8.80 7.02 -11.65
N ASN A 123 -8.26 7.90 -10.83
CA ASN A 123 -6.81 8.00 -10.62
C ASN A 123 -6.34 7.18 -9.42
N TRP A 124 -7.03 7.34 -8.29
CA TRP A 124 -6.72 6.64 -7.06
C TRP A 124 -7.91 6.66 -6.12
N ILE A 125 -7.82 5.81 -5.08
CA ILE A 125 -8.78 5.74 -4.00
C ILE A 125 -8.06 5.86 -2.69
N ARG A 126 -8.71 6.44 -1.70
CA ARG A 126 -8.08 6.61 -0.40
C ARG A 126 -9.07 6.28 0.69
N ILE A 127 -8.64 5.49 1.68
CA ILE A 127 -9.50 5.09 2.79
C ILE A 127 -8.96 5.83 4.01
N ASN A 128 -9.86 6.53 4.71
CA ASN A 128 -9.51 7.34 5.87
C ASN A 128 -10.36 7.00 7.08
N LYS A 129 -9.79 7.13 8.28
CA LYS A 129 -10.60 7.10 9.48
C LYS A 129 -11.49 8.33 9.55
N THR A 130 -12.56 8.21 10.33
CA THR A 130 -13.48 9.33 10.59
C THR A 130 -13.27 9.82 12.01
N HIS A 131 -12.71 9.11 12.84
N MET B 1 27.02 -12.07 15.37
CA MET B 1 26.78 -10.74 14.78
C MET B 1 25.31 -10.60 14.35
N VAL B 2 24.75 -11.60 13.65
CA VAL B 2 23.33 -11.53 13.25
C VAL B 2 22.39 -11.89 14.39
N ILE B 3 21.50 -10.94 14.71
CA ILE B 3 20.45 -11.09 15.69
C ILE B 3 19.23 -11.77 15.06
N ALA B 4 18.81 -11.31 13.89
CA ALA B 4 17.67 -11.89 13.19
C ALA B 4 17.68 -11.53 11.73
N THR B 5 17.23 -12.46 10.90
CA THR B 5 16.93 -12.23 9.50
C THR B 5 15.43 -12.42 9.35
N ILE B 6 14.76 -11.47 8.71
CA ILE B 6 13.30 -11.52 8.56
C ILE B 6 12.97 -11.32 7.08
N GLN B 7 12.40 -12.33 6.46
CA GLN B 7 11.92 -12.22 5.09
C GLN B 7 10.70 -11.30 5.10
N ALA B 8 10.69 -10.31 4.22
CA ALA B 8 9.64 -9.27 4.31
C ALA B 8 8.23 -9.81 4.20
N GLU B 9 8.08 -10.88 3.42
CA GLU B 9 6.80 -11.51 3.21
C GLU B 9 6.26 -12.29 4.42
N ASP B 10 7.12 -12.53 5.42
CA ASP B 10 6.76 -13.32 6.60
C ASP B 10 6.18 -12.45 7.71
N HIS B 11 5.32 -11.52 7.31
CA HIS B 11 4.58 -10.66 8.22
C HIS B 11 3.36 -11.36 8.79
N SER B 12 3.08 -11.13 10.06
CA SER B 12 1.86 -11.61 10.70
C SER B 12 0.63 -10.78 10.34
N GLN B 13 0.85 -9.49 10.07
CA GLN B 13 -0.20 -8.60 9.56
C GLN B 13 0.47 -7.63 8.58
N GLN B 14 -0.31 -7.07 7.66
CA GLN B 14 0.17 -5.99 6.80
C GLN B 14 -1.02 -5.19 6.30
N SER B 15 -0.71 -4.05 5.68
CA SER B 15 -1.74 -3.32 4.97
C SER B 15 -1.23 -2.71 3.68
N GLY B 16 -1.96 -2.95 2.59
CA GLY B 16 -1.74 -2.27 1.32
C GLY B 16 -0.74 -2.83 0.33
N THR B 17 -0.02 -3.88 0.71
CA THR B 17 1.09 -4.37 -0.10
C THR B 17 0.74 -5.69 -0.76
N GLN B 18 1.55 -6.01 -1.76
CA GLN B 18 1.36 -7.19 -2.58
C GLN B 18 2.59 -8.07 -2.45
N GLN B 19 2.36 -9.37 -2.31
CA GLN B 19 3.46 -10.32 -2.39
C GLN B 19 3.76 -10.63 -3.87
N GLU B 20 5.03 -10.72 -4.20
CA GLU B 20 5.40 -11.11 -5.53
C GLU B 20 6.68 -11.89 -5.58
N THR B 21 6.90 -12.55 -6.71
CA THR B 21 8.11 -13.33 -6.88
C THR B 21 9.30 -12.41 -7.08
N THR B 22 10.39 -12.70 -6.38
CA THR B 22 11.62 -11.96 -6.60
C THR B 22 12.63 -12.78 -7.39
N THR B 23 13.42 -12.06 -8.19
CA THR B 23 14.54 -12.65 -8.87
C THR B 23 15.87 -12.29 -8.20
N ASP B 24 15.82 -11.67 -7.02
CA ASP B 24 17.02 -11.45 -6.25
C ASP B 24 17.69 -12.79 -5.90
N THR B 25 18.95 -12.71 -5.51
CA THR B 25 19.67 -13.88 -5.01
C THR B 25 18.88 -14.66 -3.97
N GLY B 26 18.72 -15.95 -4.19
CA GLY B 26 18.01 -16.81 -3.26
C GLY B 26 16.56 -17.00 -3.64
N GLY B 27 16.09 -16.22 -4.61
CA GLY B 27 14.70 -16.25 -5.04
C GLY B 27 13.72 -16.01 -3.89
N GLY B 28 12.55 -16.62 -3.98
CA GLY B 28 11.48 -16.49 -3.03
C GLY B 28 10.55 -15.34 -3.38
N LYS B 29 10.19 -14.53 -2.38
CA LYS B 29 9.21 -13.47 -2.56
C LYS B 29 9.72 -12.14 -2.04
N ASN B 30 9.16 -11.06 -2.58
CA ASN B 30 9.34 -9.74 -2.00
C ASN B 30 8.00 -9.08 -1.84
N VAL B 31 7.98 -8.04 -1.03
CA VAL B 31 6.83 -7.19 -0.86
C VAL B 31 6.92 -6.04 -1.87
N GLY B 32 5.81 -5.77 -2.53
CA GLY B 32 5.74 -4.65 -3.46
C GLY B 32 4.44 -3.86 -3.39
N TYR B 33 4.20 -3.02 -4.41
CA TYR B 33 3.07 -2.10 -4.44
C TYR B 33 2.92 -1.36 -3.10
N ILE B 34 4.04 -0.76 -2.69
CA ILE B 34 4.11 -0.02 -1.43
C ILE B 34 3.82 1.44 -1.70
N ASP B 35 2.84 1.95 -0.95
CA ASP B 35 2.44 3.35 -0.98
C ASP B 35 2.62 3.93 0.40
N ALA B 36 2.76 5.24 0.45
CA ALA B 36 2.79 5.93 1.73
C ALA B 36 1.61 5.48 2.59
N GLY B 37 1.86 5.11 3.84
CA GLY B 37 0.85 4.65 4.79
C GLY B 37 0.71 3.13 4.88
N ASP B 38 1.23 2.40 3.90
CA ASP B 38 1.27 0.96 3.96
C ASP B 38 2.22 0.50 5.08
N TRP B 39 1.99 -0.70 5.58
CA TRP B 39 2.82 -1.18 6.66
C TRP B 39 2.91 -2.70 6.71
N LEU B 40 3.91 -3.15 7.46
CA LEU B 40 4.20 -4.55 7.68
C LEU B 40 4.45 -4.81 9.17
N SER B 41 3.83 -5.84 9.72
CA SER B 41 4.08 -6.22 11.12
C SER B 41 4.70 -7.61 11.21
N TYR B 42 5.71 -7.72 12.09
CA TYR B 42 6.35 -8.99 12.41
C TYR B 42 6.07 -9.39 13.85
N ALA B 43 4.91 -8.97 14.38
CA ALA B 43 4.58 -9.24 15.77
C ALA B 43 4.43 -10.72 16.09
N GLY B 44 4.10 -11.52 15.08
CA GLY B 44 3.97 -12.96 15.25
C GLY B 44 5.26 -13.69 15.54
N THR B 45 6.40 -13.05 15.24
CA THR B 45 7.73 -13.63 15.46
C THR B 45 8.57 -12.67 16.29
N PRO B 46 8.34 -12.60 17.60
CA PRO B 46 9.11 -11.70 18.47
C PRO B 46 10.58 -12.03 18.41
N VAL B 47 11.41 -11.00 18.44
CA VAL B 47 12.86 -11.13 18.33
C VAL B 47 13.47 -10.62 19.64
N ASN B 48 14.44 -11.36 20.17
CA ASN B 48 15.12 -10.95 21.39
C ASN B 48 16.36 -10.10 21.09
N ILE B 49 16.47 -8.98 21.80
CA ILE B 49 17.64 -8.13 21.79
C ILE B 49 18.42 -8.41 23.09
N PRO B 50 19.64 -8.90 22.96
CA PRO B 50 20.38 -9.39 24.14
C PRO B 50 20.85 -8.30 25.10
N SER B 51 21.07 -7.09 24.60
CA SER B 51 21.56 -6.02 25.43
C SER B 51 21.17 -4.69 24.82
N SER B 52 20.89 -3.72 25.68
CA SER B 52 20.54 -2.39 25.18
C SER B 52 21.73 -1.72 24.50
N GLY B 53 21.48 -1.09 23.35
CA GLY B 53 22.50 -0.35 22.66
C GLY B 53 22.25 -0.26 21.16
N SER B 54 23.33 -0.04 20.43
CA SER B 54 23.28 0.23 19.01
C SER B 54 23.19 -1.08 18.21
N TYR B 55 22.25 -1.11 17.27
CA TYR B 55 22.09 -2.21 16.33
C TYR B 55 22.04 -1.68 14.90
N LEU B 56 22.59 -2.45 13.97
CA LEU B 56 22.60 -2.12 12.55
C LEU B 56 21.45 -2.86 11.89
N ILE B 57 20.55 -2.10 11.27
CA ILE B 57 19.42 -2.67 10.54
C ILE B 57 19.67 -2.53 9.05
N GLU B 58 19.60 -3.67 8.36
CA GLU B 58 19.82 -3.72 6.92
C GLU B 58 18.49 -4.08 6.24
N TYR B 59 18.30 -3.49 5.06
CA TYR B 59 17.10 -3.74 4.24
C TYR B 59 17.52 -4.04 2.83
N ARG B 60 16.98 -5.09 2.26
CA ARG B 60 17.26 -5.48 0.91
C ARG B 60 16.13 -4.92 0.06
N VAL B 61 16.46 -3.93 -0.76
CA VAL B 61 15.47 -3.09 -1.45
C VAL B 61 15.73 -2.95 -2.96
N ALA B 62 14.67 -2.64 -3.69
CA ALA B 62 14.72 -2.30 -5.12
C ALA B 62 13.77 -1.15 -5.38
N SER B 63 14.10 -0.27 -6.31
CA SER B 63 13.25 0.87 -6.61
C SER B 63 13.55 1.40 -8.01
N GLN B 64 12.53 1.48 -8.84
CA GLN B 64 12.69 1.97 -10.21
C GLN B 64 13.17 3.43 -10.21
N ASN B 65 12.46 4.28 -9.47
CA ASN B 65 12.59 5.73 -9.55
C ASN B 65 13.13 6.44 -8.29
N GLY B 66 13.30 5.71 -7.20
CA GLY B 66 13.68 6.33 -5.95
C GLY B 66 12.53 7.07 -5.29
N GLY B 67 12.85 7.84 -4.24
CA GLY B 67 11.87 8.67 -3.57
C GLY B 67 11.24 8.04 -2.32
N GLY B 68 11.50 6.76 -2.08
CA GLY B 68 10.83 6.02 -1.00
C GLY B 68 11.51 6.28 0.32
N SER B 69 10.80 5.95 1.40
CA SER B 69 11.38 6.00 2.76
C SER B 69 10.51 5.15 3.69
N LEU B 70 11.13 4.67 4.76
CA LEU B 70 10.42 3.85 5.72
C LEU B 70 10.82 4.20 7.13
N THR B 71 9.96 3.80 8.06
CA THR B 71 10.17 3.93 9.51
C THR B 71 10.19 2.53 10.08
N PHE B 72 11.25 2.22 10.82
CA PHE B 72 11.43 0.95 11.55
C PHE B 72 11.02 1.21 12.99
N GLU B 73 10.15 0.37 13.54
CA GLU B 73 9.48 0.67 14.81
C GLU B 73 9.01 -0.63 15.46
N GLU B 74 8.31 -0.53 16.57
CA GLU B 74 7.63 -1.70 17.10
C GLU B 74 6.28 -1.73 16.42
N ALA B 75 5.77 -2.94 16.22
CA ALA B 75 4.44 -3.18 15.70
C ALA B 75 3.40 -2.36 16.49
N GLY B 76 2.58 -1.62 15.78
CA GLY B 76 1.64 -0.70 16.41
C GLY B 76 2.02 0.76 16.32
N GLY B 77 3.32 1.06 16.18
CA GLY B 77 3.77 2.40 15.86
C GLY B 77 4.74 3.08 16.82
N ALA B 78 4.92 2.54 18.01
CA ALA B 78 5.79 3.17 19.01
C ALA B 78 6.37 2.13 19.98
N PRO B 79 7.61 2.28 20.41
CA PRO B 79 8.52 3.32 19.98
C PRO B 79 9.04 3.17 18.56
N VAL B 80 9.37 4.32 17.96
CA VAL B 80 10.04 4.36 16.67
C VAL B 80 11.53 4.26 16.87
N HIS B 81 12.19 3.40 16.07
CA HIS B 81 13.64 3.16 16.17
C HIS B 81 14.40 4.02 15.18
N GLY B 82 13.94 4.15 13.95
CA GLY B 82 14.67 4.92 12.95
C GLY B 82 13.98 5.01 11.60
N THR B 83 14.50 5.88 10.76
CA THR B 83 14.01 6.07 9.40
C THR B 83 15.15 5.95 8.43
N ILE B 84 14.80 5.63 7.20
CA ILE B 84 15.80 5.48 6.15
C ILE B 84 15.22 5.78 4.78
N ALA B 85 16.00 6.48 3.96
CA ALA B 85 15.65 6.76 2.57
C ALA B 85 16.01 5.58 1.69
N ILE B 86 15.14 5.28 0.74
CA ILE B 86 15.37 4.16 -0.16
C ILE B 86 15.79 4.72 -1.51
N PRO B 87 16.99 4.38 -1.97
CA PRO B 87 17.53 4.96 -3.20
C PRO B 87 16.90 4.35 -4.44
N ALA B 88 16.98 5.05 -5.58
CA ALA B 88 16.71 4.41 -6.86
C ALA B 88 17.80 3.38 -7.10
N THR B 89 17.41 2.20 -7.54
CA THR B 89 18.32 1.14 -7.89
C THR B 89 18.32 0.88 -9.39
N GLY B 90 17.42 1.53 -10.14
CA GLY B 90 17.33 1.34 -11.59
C GLY B 90 16.40 0.25 -12.08
N GLY B 91 15.68 -0.40 -11.18
CA GLY B 91 14.71 -1.38 -11.59
C GLY B 91 14.00 -1.99 -10.40
N TRP B 92 12.80 -2.50 -10.63
CA TRP B 92 11.97 -3.10 -9.60
C TRP B 92 12.53 -4.42 -9.09
N GLN B 93 13.44 -5.04 -9.86
CA GLN B 93 14.11 -6.26 -9.40
C GLN B 93 15.64 -6.13 -9.54
N THR B 94 16.11 -4.90 -9.38
CA THR B 94 17.52 -4.61 -9.21
C THR B 94 17.75 -4.27 -7.75
N TRP B 95 18.41 -5.18 -7.05
CA TRP B 95 18.47 -5.15 -5.56
C TRP B 95 19.76 -4.63 -5.00
N THR B 96 19.65 -3.96 -3.85
CA THR B 96 20.80 -3.49 -3.10
C THR B 96 20.46 -3.57 -1.62
N THR B 97 21.48 -3.57 -0.79
CA THR B 97 21.28 -3.57 0.66
C THR B 97 21.64 -2.21 1.22
N ILE B 98 20.71 -1.62 1.94
CA ILE B 98 20.94 -0.36 2.61
C ILE B 98 20.92 -0.61 4.12
N GLN B 99 21.46 0.32 4.88
CA GLN B 99 21.57 0.15 6.33
C GLN B 99 21.56 1.46 7.11
N HIS B 100 21.15 1.36 8.37
CA HIS B 100 21.25 2.45 9.33
C HIS B 100 21.41 1.85 10.73
N THR B 101 21.76 2.69 11.71
CA THR B 101 21.81 2.27 13.10
C THR B 101 20.65 2.86 13.89
N VAL B 102 20.23 2.10 14.89
CA VAL B 102 19.21 2.50 15.81
C VAL B 102 19.60 2.04 17.21
N ASN B 103 19.04 2.67 18.24
CA ASN B 103 19.13 2.14 19.59
C ASN B 103 17.99 1.18 19.82
N LEU B 104 18.27 0.03 20.43
CA LEU B 104 17.22 -0.91 20.85
C LEU B 104 17.43 -1.30 22.29
N SER B 105 16.33 -1.35 23.03
CA SER B 105 16.37 -1.85 24.42
C SER B 105 16.46 -3.37 24.48
N ALA B 106 17.08 -3.88 25.53
CA ALA B 106 17.15 -5.33 25.76
C ALA B 106 15.77 -5.91 25.97
N GLY B 107 15.56 -7.13 25.48
CA GLY B 107 14.30 -7.83 25.70
C GLY B 107 13.61 -8.20 24.41
N SER B 108 12.32 -8.53 24.53
CA SER B 108 11.57 -9.09 23.41
C SER B 108 11.01 -7.92 22.61
N HIS B 109 11.19 -7.94 21.31
CA HIS B 109 10.60 -6.97 20.45
C HIS B 109 9.67 -7.58 19.43
N GLN B 110 8.69 -6.78 19.06
CA GLN B 110 7.77 -7.11 17.97
C GLN B 110 7.93 -6.00 16.96
N PHE B 111 8.66 -6.25 15.89
CA PHE B 111 9.02 -5.16 14.95
C PHE B 111 7.94 -4.90 13.91
N GLY B 112 7.96 -3.67 13.39
CA GLY B 112 7.08 -3.23 12.32
C GLY B 112 7.77 -2.24 11.43
N ILE B 113 7.28 -2.12 10.19
CA ILE B 113 7.75 -1.12 9.22
C ILE B 113 6.57 -0.35 8.69
N LYS B 114 6.70 0.99 8.67
CA LYS B 114 5.71 1.83 8.04
C LYS B 114 6.36 2.51 6.85
N ALA B 115 5.70 2.48 5.69
CA ALA B 115 6.19 3.22 4.54
C ALA B 115 5.77 4.68 4.63
N ASN B 116 6.73 5.59 4.58
CA ASN B 116 6.44 7.04 4.59
C ASN B 116 6.28 7.60 3.19
N ALA B 117 6.90 6.93 2.23
CA ALA B 117 6.74 7.23 0.82
C ALA B 117 6.96 5.93 0.07
N GLY B 118 6.21 5.74 -1.02
CA GLY B 118 6.19 4.51 -1.74
C GLY B 118 7.21 4.44 -2.85
N GLY B 119 7.02 3.46 -3.72
CA GLY B 119 7.81 3.29 -4.92
C GLY B 119 9.04 2.45 -4.75
N TRP B 120 8.99 1.50 -3.82
CA TRP B 120 10.10 0.57 -3.60
C TRP B 120 9.57 -0.80 -3.22
N ASN B 121 10.45 -1.80 -3.34
CA ASN B 121 10.17 -3.18 -3.01
C ASN B 121 11.11 -3.63 -1.90
N LEU B 122 10.69 -4.61 -1.10
CA LEU B 122 11.46 -5.07 0.06
C LEU B 122 11.52 -6.59 0.08
N ASN B 123 12.74 -7.15 0.12
CA ASN B 123 12.92 -8.60 0.11
C ASN B 123 13.05 -9.15 1.52
N TRP B 124 13.93 -8.55 2.33
CA TRP B 124 14.20 -9.01 3.68
C TRP B 124 14.83 -7.87 4.48
N ILE B 125 14.84 -8.05 5.80
CA ILE B 125 15.46 -7.17 6.78
C ILE B 125 16.42 -8.01 7.62
N ARG B 126 17.50 -7.40 8.08
CA ARG B 126 18.45 -8.07 8.96
C ARG B 126 18.88 -7.15 10.08
N ILE B 127 18.86 -7.67 11.30
CA ILE B 127 19.29 -6.94 12.50
C ILE B 127 20.62 -7.53 12.92
N ASN B 128 21.60 -6.66 13.10
CA ASN B 128 22.96 -7.05 13.45
C ASN B 128 23.44 -6.30 14.67
N LYS B 129 24.31 -6.93 15.44
CA LYS B 129 25.04 -6.21 16.49
C LYS B 129 26.07 -5.29 15.86
N THR B 130 26.45 -4.25 16.61
CA THR B 130 27.54 -3.33 16.24
C THR B 130 28.75 -3.61 17.12
N HIS B 131 28.63 -4.10 18.26
C2 BGC C . -10.94 -11.08 -8.48
C3 BGC C . -12.39 -10.71 -8.18
C4 BGC C . -13.27 -11.12 -9.38
C5 BGC C . -13.01 -12.56 -9.88
C6 BGC C . -13.68 -12.71 -11.26
C1 BGC C . -10.91 -12.58 -8.74
O1 BGC C . -9.56 -12.96 -8.85
O2 BGC C . -10.01 -10.72 -7.46
O3 BGC C . -12.53 -9.32 -7.97
O4 BGC C . -14.64 -10.99 -9.07
O5 BGC C . -11.62 -12.85 -9.93
O6 BGC C . -13.72 -14.02 -11.75
C2 BGC C . -16.78 -10.22 -9.61
C3 BGC C . -17.61 -8.96 -9.85
C4 BGC C . -17.22 -7.87 -8.86
C5 BGC C . -15.72 -7.64 -8.94
C6 BGC C . -15.16 -6.52 -8.05
C1 BGC C . -15.29 -9.90 -9.50
O2 BGC C . -16.95 -11.15 -10.66
O3 BGC C . -18.99 -9.24 -9.77
O4 BGC C . -17.95 -6.69 -9.17
O5 BGC C . -15.04 -8.85 -8.57
O6 BGC C . -15.51 -6.70 -6.72
C2 BGC D . -2.74 -8.30 16.84
C3 BGC D . -3.22 -7.29 15.80
C4 BGC D . -4.45 -7.85 15.10
C5 BGC D . -5.51 -8.31 16.09
C6 BGC D . -6.70 -8.95 15.38
C1 BGC D . -3.90 -8.71 17.75
O1 BGC D . -3.45 -9.67 18.69
O2 BGC D . -1.73 -7.72 17.62
O3 BGC D . -2.19 -7.04 14.85
O4 BGC D . -4.99 -6.86 14.26
O5 BGC D . -4.94 -9.26 16.97
O6 BGC D . -6.26 -9.98 14.52
C2 BGC D . -0.40 -5.56 14.15
C3 BGC D . 0.09 -4.11 14.27
C4 BGC D . -0.96 -3.13 13.74
C5 BGC D . -2.35 -3.42 14.33
C6 BGC D . -3.40 -2.63 13.56
C1 BGC D . -1.75 -5.66 14.87
O2 BGC D . 0.50 -6.53 14.69
O3 BGC D . 1.32 -3.92 13.60
O4 BGC D . -0.62 -1.77 13.98
O5 BGC D . -2.67 -4.80 14.22
O6 BGC D . -4.69 -2.92 14.04
C2 BGC D . -0.35 0.43 13.20
C3 BGC D . 0.42 1.27 12.17
C4 BGC D . 1.89 0.87 12.19
C5 BGC D . 2.02 -0.61 11.92
C6 BGC D . 3.45 -1.16 11.85
C1 BGC D . -0.09 -1.05 12.96
O2 BGC D . -1.75 0.67 13.13
O3 BGC D . 0.30 2.65 12.45
O4 BGC D . 2.60 1.59 11.20
O5 BGC D . 1.31 -1.29 12.94
O6 BGC D . 4.10 -0.88 13.06
C2 BGC D . -1.01 4.67 12.37
C3 BGC D . -2.23 5.37 11.76
C4 BGC D . -2.36 5.13 10.26
C5 BGC D . -2.11 3.66 9.88
C6 BGC D . -2.06 3.43 8.37
C1 BGC D . -0.89 3.23 11.86
O2 BGC D . -1.17 4.67 13.77
O3 BGC D . -2.18 6.76 12.02
O4 BGC D . -3.68 5.51 9.89
O5 BGC D . -0.89 3.20 10.44
O6 BGC D . -0.98 4.11 7.78
CA CA E . -14.92 -0.38 -20.72
C1 GOL F . -12.41 7.59 -21.44
O1 GOL F . -11.77 7.18 -20.27
C2 GOL F . -11.62 8.73 -22.02
O2 GOL F . -11.73 8.92 -23.44
C3 GOL F . -10.19 8.52 -21.67
O3 GOL F . -9.94 9.53 -20.78
C1 GOL G . -9.57 1.63 -26.05
O1 GOL G . -8.90 0.41 -26.00
C2 GOL G . -9.04 2.43 -27.23
O2 GOL G . -7.63 2.54 -27.23
C3 GOL G . -9.67 3.80 -27.22
O3 GOL G . -10.73 3.85 -28.13
CA CA H . -3.15 6.71 -10.54
CL CL I . -22.13 2.83 -19.37
NA NA J . -17.13 -5.05 6.07
CL CL K . -9.55 17.97 -19.34
CA CA L . -0.05 -0.26 -1.73
C1 GOL M . 6.32 -3.94 -8.74
O1 GOL M . 7.57 -4.55 -8.51
C2 GOL M . 6.26 -2.69 -7.87
O2 GOL M . 6.19 -3.13 -6.52
C3 GOL M . 5.02 -1.86 -8.09
O3 GOL M . 5.06 -0.78 -7.17
CA CA N . 11.97 -12.30 0.66
NA NA O . 19.06 -13.59 3.40
CL CL P . 14.93 -4.75 -12.72
NA NA Q . 3.33 6.93 -2.06
#